data_1W0Z
#
_entry.id   1W0Z
#
_cell.length_a   53.210
_cell.length_b   54.670
_cell.length_c   82.400
_cell.angle_alpha   90.00
_cell.angle_beta   90.00
_cell.angle_gamma   90.00
#
_symmetry.space_group_name_H-M   'P 21 21 21'
#
loop_
_entity.id
_entity.type
_entity.pdbx_description
1 polymer 'UROKINASE-TYPE PLASMINOGEN ACTIVATOR'
2 non-polymer N-(BUTYLSULFONYL)-D-SERYL-N-{4-[AMINO(IMINO)METHYL]BENZYL}-L-ALANINAMIDE
3 non-polymer 'SULFATE ION'
4 water water
#
_entity_poly.entity_id   1
_entity_poly.type   'polypeptide(L)'
_entity_poly.pdbx_seq_one_letter_code
;IIGGEFTTIENQPWFAAIYRRHRGGSVTYVCGGSLISPCWVISATHCFIDYPKKEDYIVYLGRSRLNSNTQGEMKFEVEN
LILHKDYSADTLAHHNDIALLKIRSKEGRCAQPSRTIQTISLPSMYNDPQFGTSCEITGFGKENSTDYLYPEQLKMTVVK
LISHRECQQPHYYGSEVTTKMLCAADPQWKTDSCQGDSGGPLVCSLQGRMTLTGIVSWGRGCALKDKPGVYTRVSHFLPW
IRSHTKE
;
_entity_poly.pdbx_strand_id   U
#
loop_
_chem_comp.id
_chem_comp.type
_chem_comp.name
_chem_comp.formula
SI1 non-polymer N-(BUTYLSULFONYL)-D-SERYL-N-{4-[AMINO(IMINO)METHYL]BENZYL}-L-ALANINAMIDE 'C18 H29 N5 O5 S'
SO4 non-polymer 'SULFATE ION' 'O4 S -2'
#
# COMPACT_ATOMS: atom_id res chain seq x y z
N ILE A 1 -4.61 -6.82 7.97
CA ILE A 1 -5.30 -7.83 7.13
C ILE A 1 -6.21 -8.70 8.00
N ILE A 2 -7.52 -8.67 7.69
CA ILE A 2 -8.51 -9.47 8.39
C ILE A 2 -8.49 -10.83 7.70
N GLY A 3 -8.32 -11.90 8.46
CA GLY A 3 -8.27 -13.23 7.89
C GLY A 3 -6.98 -13.42 7.10
N GLY A 4 -7.03 -14.25 6.06
CA GLY A 4 -5.85 -14.50 5.27
C GLY A 4 -4.86 -15.40 5.99
N GLU A 5 -3.57 -15.17 5.75
CA GLU A 5 -2.54 -15.96 6.38
C GLU A 5 -1.22 -15.22 6.54
N PHE A 6 -0.41 -15.70 7.48
CA PHE A 6 0.90 -15.11 7.71
C PHE A 6 1.83 -15.52 6.57
N THR A 7 2.71 -14.62 6.19
CA THR A 7 3.65 -14.86 5.10
C THR A 7 5.03 -14.34 5.48
N THR A 8 5.97 -14.43 4.55
CA THR A 8 7.34 -13.95 4.77
C THR A 8 7.67 -12.96 3.67
N ILE A 9 8.67 -12.11 3.92
CA ILE A 9 9.07 -11.11 2.93
C ILE A 9 9.56 -11.76 1.62
N GLU A 10 10.00 -13.02 1.71
CA GLU A 10 10.48 -13.75 0.54
C GLU A 10 9.37 -13.87 -0.51
N ASN A 11 8.13 -13.93 -0.04
CA ASN A 11 6.96 -14.04 -0.91
C ASN A 11 6.40 -12.68 -1.34
N GLN A 12 6.87 -11.61 -0.69
CA GLN A 12 6.42 -10.24 -1.01
C GLN A 12 7.66 -9.33 -0.97
N PRO A 13 8.69 -9.63 -1.77
CA PRO A 13 9.93 -8.87 -1.81
C PRO A 13 9.89 -7.37 -2.11
N TRP A 14 8.78 -6.90 -2.68
CA TRP A 14 8.62 -5.49 -3.01
C TRP A 14 8.01 -4.68 -1.85
N PHE A 15 7.59 -5.37 -0.79
CA PHE A 15 6.96 -4.70 0.34
C PHE A 15 7.88 -3.84 1.18
N ALA A 16 7.45 -2.61 1.44
CA ALA A 16 8.23 -1.69 2.26
C ALA A 16 7.47 -1.30 3.52
N ALA A 17 8.16 -1.38 4.66
CA ALA A 17 7.59 -1.05 5.96
C ALA A 17 8.07 0.36 6.34
N ILE A 18 7.12 1.28 6.54
CA ILE A 18 7.46 2.66 6.87
C ILE A 18 7.13 3.02 8.33
N TYR A 19 8.14 3.51 9.04
CA TYR A 19 8.01 3.89 10.45
C TYR A 19 8.34 5.37 10.64
N ARG A 20 7.93 5.91 11.78
CA ARG A 20 8.20 7.31 12.10
C ARG A 20 8.97 7.40 13.42
N ARG A 21 10.05 8.18 13.41
CA ARG A 21 10.88 8.41 14.59
C ARG A 21 10.12 9.36 15.49
N HIS A 22 10.08 9.06 16.78
CA HIS A 22 9.36 9.93 17.70
C HIS A 22 10.18 10.89 18.54
N ARG A 23 9.51 11.96 18.95
CA ARG A 23 10.06 13.05 19.75
C ARG A 23 10.83 12.62 20.98
N GLY A 24 10.65 11.36 21.40
CA GLY A 24 11.35 10.86 22.57
C GLY A 24 12.51 9.94 22.18
N GLY A 25 12.20 8.90 21.42
CA GLY A 25 13.20 7.95 20.99
C GLY A 25 12.55 6.69 20.43
N SER A 26 11.24 6.57 20.66
CA SER A 26 10.48 5.42 20.20
C SER A 26 10.14 5.52 18.72
N VAL A 27 9.95 4.37 18.09
CA VAL A 27 9.61 4.29 16.67
C VAL A 27 8.31 3.51 16.51
N THR A 28 7.37 4.06 15.75
CA THR A 28 6.09 3.40 15.53
C THR A 28 5.82 3.18 14.05
N TYR A 29 5.05 2.13 13.75
CA TYR A 29 4.70 1.80 12.37
C TYR A 29 3.70 2.81 11.84
N VAL A 30 3.86 3.19 10.57
CA VAL A 30 2.95 4.14 9.96
C VAL A 30 2.12 3.51 8.84
N CYS A 31 2.81 3.02 7.82
CA CYS A 31 2.12 2.44 6.67
C CYS A 31 3.00 1.52 5.87
N GLY A 32 2.37 0.85 4.91
CA GLY A 32 3.08 -0.03 4.01
C GLY A 32 3.48 0.79 2.79
N GLY A 33 4.16 0.14 1.85
CA GLY A 33 4.60 0.78 0.63
C GLY A 33 5.12 -0.30 -0.30
N SER A 34 5.52 0.09 -1.51
CA SER A 34 6.04 -0.84 -2.50
C SER A 34 7.25 -0.26 -3.22
N LEU A 35 8.26 -1.11 -3.44
CA LEU A 35 9.47 -0.69 -4.14
C LEU A 35 9.24 -0.77 -5.66
N ILE A 36 9.19 0.38 -6.31
CA ILE A 36 8.97 0.41 -7.76
C ILE A 36 10.26 0.60 -8.59
N SER A 37 11.32 1.01 -7.91
CA SER A 37 12.64 1.20 -8.51
C SER A 37 13.61 1.18 -7.34
N PRO A 38 14.91 0.95 -7.58
CA PRO A 38 15.89 0.91 -6.49
C PRO A 38 15.86 2.10 -5.52
N CYS A 39 15.55 3.29 -6.02
CA CYS A 39 15.50 4.49 -5.19
C CYS A 39 14.11 5.01 -4.84
N TRP A 40 13.06 4.35 -5.32
CA TRP A 40 11.71 4.83 -5.08
C TRP A 40 10.69 3.87 -4.49
N VAL A 41 9.96 4.35 -3.50
CA VAL A 41 8.91 3.60 -2.84
C VAL A 41 7.61 4.39 -3.06
N ILE A 42 6.53 3.67 -3.35
CA ILE A 42 5.25 4.32 -3.55
C ILE A 42 4.33 3.92 -2.39
N SER A 43 3.58 4.89 -1.88
CA SER A 43 2.67 4.67 -0.76
C SER A 43 1.45 5.57 -0.89
N ALA A 44 0.79 5.86 0.22
CA ALA A 44 -0.40 6.72 0.21
C ALA A 44 -0.12 8.05 0.91
N THR A 45 -0.65 9.14 0.35
CA THR A 45 -0.46 10.47 0.93
C THR A 45 -1.06 10.62 2.32
N HIS A 46 -2.22 10.00 2.59
CA HIS A 46 -2.87 10.15 3.89
C HIS A 46 -2.01 9.66 5.06
N CYS A 47 -0.99 8.89 4.75
CA CYS A 47 -0.07 8.36 5.76
C CYS A 47 0.88 9.42 6.31
N PHE A 48 1.18 10.42 5.49
CA PHE A 48 2.15 11.47 5.85
C PHE A 48 1.64 12.90 5.91
N ILE A 49 0.46 13.16 5.36
CA ILE A 49 -0.11 14.51 5.31
C ILE A 49 -0.03 15.36 6.59
N ASP A 50 -0.19 14.74 7.75
CA ASP A 50 -0.13 15.46 9.02
C ASP A 50 1.27 15.73 9.58
N TYR A 51 2.26 14.99 9.09
CA TYR A 51 3.65 15.14 9.52
C TYR A 51 4.53 14.99 8.27
N PRO A 52 4.53 16.01 7.39
CA PRO A 52 5.29 16.03 6.14
C PRO A 52 6.80 16.26 6.27
N LYS A 53 7.39 15.85 7.39
CA LYS A 53 8.82 16.03 7.62
C LYS A 53 9.57 14.74 7.29
N LYS A 54 10.30 14.75 6.17
CA LYS A 54 11.04 13.58 5.69
C LYS A 54 12.04 12.97 6.68
N GLU A 55 12.64 13.81 7.51
CA GLU A 55 13.63 13.36 8.48
C GLU A 55 13.09 12.45 9.59
N ASP A 56 11.79 12.45 9.79
CA ASP A 56 11.18 11.62 10.84
C ASP A 56 10.74 10.23 10.39
N TYR A 57 11.00 9.88 9.14
CA TYR A 57 10.61 8.57 8.63
C TYR A 57 11.78 7.64 8.36
N ILE A 58 11.52 6.35 8.52
CA ILE A 58 12.50 5.29 8.29
C ILE A 58 11.80 4.25 7.41
N VAL A 59 12.49 3.79 6.38
CA VAL A 59 11.94 2.78 5.47
C VAL A 59 12.76 1.50 5.51
N TYR A 60 12.10 0.39 5.80
CA TYR A 60 12.76 -0.92 5.84
C TYR A 60 12.32 -1.77 4.66
N LEU A 61 13.29 -2.44 4.05
CA LEU A 61 13.05 -3.36 2.94
C LEU A 61 13.59 -4.71 3.40
N GLY A 62 12.98 -5.79 2.94
CA GLY A 62 13.42 -7.13 3.32
C GLY A 62 13.09 -7.48 4.76
N ARG A 63 12.05 -6.85 5.30
CA ARG A 63 11.62 -7.07 6.69
C ARG A 63 10.29 -7.83 6.79
N SER A 64 10.29 -8.93 7.54
CA SER A 64 9.12 -9.77 7.73
C SER A 64 8.37 -9.55 9.05
N ARG A 65 9.03 -8.93 10.02
CA ARG A 65 8.42 -8.69 11.33
C ARG A 65 8.38 -7.22 11.71
N LEU A 66 7.33 -6.86 12.46
CA LEU A 66 7.11 -5.48 12.89
C LEU A 66 8.14 -4.88 13.83
N ASN A 67 8.44 -5.58 14.93
CA ASN A 67 9.39 -5.07 15.91
C ASN A 67 10.69 -5.84 16.10
N SER A 68 11.06 -6.66 15.12
CA SER A 68 12.31 -7.40 15.20
C SER A 68 13.00 -7.47 13.85
N ASN A 69 14.33 -7.61 13.88
CA ASN A 69 15.14 -7.67 12.68
C ASN A 69 14.98 -8.97 11.89
N THR A 70 15.14 -8.87 10.58
CA THR A 70 15.05 -10.01 9.67
C THR A 70 16.37 -10.06 8.92
N GLN A 71 16.93 -11.25 8.78
CA GLN A 71 18.21 -11.40 8.07
C GLN A 71 18.12 -10.91 6.64
N GLY A 72 19.02 -10.00 6.29
CA GLY A 72 19.04 -9.45 4.94
C GLY A 72 18.28 -8.13 4.80
N GLU A 73 17.66 -7.66 5.88
CA GLU A 73 16.90 -6.42 5.83
C GLU A 73 17.82 -5.22 5.64
N MET A 74 17.28 -4.14 5.06
CA MET A 74 18.04 -2.92 4.83
C MET A 74 17.24 -1.70 5.27
N LYS A 75 17.91 -0.81 5.99
CA LYS A 75 17.32 0.40 6.53
C LYS A 75 17.63 1.61 5.65
N PHE A 76 16.63 2.47 5.43
CA PHE A 76 16.82 3.65 4.58
C PHE A 76 16.21 4.92 5.17
N GLU A 77 16.79 6.05 4.80
CA GLU A 77 16.31 7.37 5.22
C GLU A 77 15.47 7.85 4.04
N VAL A 78 14.69 8.91 4.25
CA VAL A 78 13.87 9.46 3.18
C VAL A 78 14.51 10.75 2.67
N GLU A 79 14.99 10.70 1.43
CA GLU A 79 15.66 11.83 0.79
C GLU A 79 14.67 12.88 0.30
N ASN A 80 13.52 12.42 -0.17
CA ASN A 80 12.48 13.31 -0.67
C ASN A 80 11.11 12.68 -0.44
N LEU A 81 10.20 13.45 0.13
CA LEU A 81 8.85 12.99 0.40
C LEU A 81 7.90 13.78 -0.50
N ILE A 82 7.35 13.11 -1.50
CA ILE A 82 6.45 13.75 -2.45
C ILE A 82 5.00 13.34 -2.24
N LEU A 83 4.18 14.31 -1.83
CA LEU A 83 2.75 14.07 -1.61
C LEU A 83 1.97 14.65 -2.78
N HIS A 84 0.81 14.07 -3.08
CA HIS A 84 0.01 14.57 -4.18
C HIS A 84 -0.67 15.87 -3.76
N LYS A 85 -0.44 16.92 -4.55
CA LYS A 85 -1.00 18.24 -4.26
C LYS A 85 -2.52 18.33 -4.23
N ASP A 86 -3.19 17.42 -4.93
CA ASP A 86 -4.65 17.43 -4.98
C ASP A 86 -5.32 16.43 -4.03
N TYR A 87 -4.59 15.98 -3.01
CA TYR A 87 -5.15 15.04 -2.05
C TYR A 87 -6.23 15.75 -1.23
N SER A 88 -7.31 15.03 -0.95
CA SER A 88 -8.40 15.56 -0.13
C SER A 88 -9.20 14.39 0.41
N ALA A 89 -9.86 14.62 1.54
CA ALA A 89 -10.67 13.58 2.16
C ALA A 89 -12.09 14.07 2.41
N ASP A 90 -13.06 13.34 1.86
CA ASP A 90 -14.46 13.67 2.04
C ASP A 90 -15.04 12.81 3.17
N THR A 91 -16.35 12.63 3.16
CA THR A 91 -17.02 11.83 4.19
C THR A 91 -16.38 10.44 4.30
N LEU A 92 -16.20 9.78 3.16
CA LEU A 92 -15.59 8.47 3.11
C LEU A 92 -14.39 8.43 2.17
N ALA A 93 -14.56 8.98 0.97
CA ALA A 93 -13.53 8.97 -0.05
C ALA A 93 -12.27 9.80 0.21
N HIS A 94 -11.13 9.21 -0.16
CA HIS A 94 -9.84 9.86 -0.06
C HIS A 94 -9.39 9.94 -1.52
N HIS A 95 -9.28 11.16 -2.02
CA HIS A 95 -8.91 11.42 -3.40
C HIS A 95 -7.42 11.63 -3.59
N ASN A 96 -6.89 11.13 -4.70
CA ASN A 96 -5.47 11.24 -5.04
C ASN A 96 -4.57 10.80 -3.90
N ASP A 97 -4.95 9.69 -3.27
CA ASP A 97 -4.21 9.15 -2.15
C ASP A 97 -3.00 8.36 -2.63
N ILE A 98 -1.94 9.10 -2.98
CA ILE A 98 -0.74 8.48 -3.52
C ILE A 98 0.48 9.34 -3.17
N ALA A 99 1.59 8.69 -2.86
CA ALA A 99 2.80 9.39 -2.49
C ALA A 99 4.06 8.66 -2.92
N LEU A 100 5.15 9.40 -3.07
CA LEU A 100 6.43 8.85 -3.46
C LEU A 100 7.49 9.19 -2.41
N LEU A 101 8.34 8.22 -2.10
CA LEU A 101 9.41 8.44 -1.14
C LEU A 101 10.72 8.04 -1.79
N LYS A 102 11.64 8.98 -1.92
CA LYS A 102 12.95 8.67 -2.49
C LYS A 102 13.80 8.24 -1.30
N ILE A 103 14.34 7.03 -1.38
CA ILE A 103 15.14 6.48 -0.29
C ILE A 103 16.64 6.44 -0.55
N ARG A 104 17.40 6.44 0.54
CA ARG A 104 18.85 6.36 0.47
C ARG A 104 19.36 5.86 1.82
N SER A 105 20.36 4.99 1.78
CA SER A 105 20.97 4.45 2.99
C SER A 105 21.91 5.52 3.57
N LYS A 106 22.47 5.25 4.75
CA LYS A 106 23.38 6.20 5.38
C LYS A 106 24.63 6.45 4.51
N GLU A 107 24.99 5.45 3.70
CA GLU A 107 26.13 5.55 2.80
C GLU A 107 25.77 6.31 1.52
N GLY A 108 24.49 6.67 1.39
CA GLY A 108 24.02 7.39 0.23
C GLY A 108 23.64 6.55 -0.97
N ARG A 109 23.31 5.29 -0.73
CA ARG A 109 22.94 4.38 -1.81
C ARG A 109 21.47 3.96 -1.79
N CYS A 110 20.99 3.46 -2.92
CA CYS A 110 19.62 2.98 -3.05
C CYS A 110 19.61 1.50 -2.74
N ALA A 111 18.45 0.85 -2.93
CA ALA A 111 18.32 -0.58 -2.63
C ALA A 111 19.08 -1.50 -3.57
N GLN A 112 19.64 -2.56 -3.00
CA GLN A 112 20.35 -3.57 -3.76
C GLN A 112 19.48 -4.81 -3.80
N PRO A 113 19.07 -5.24 -5.01
CA PRO A 113 18.21 -6.42 -5.18
C PRO A 113 18.79 -7.69 -4.55
N SER A 114 17.90 -8.52 -4.02
CA SER A 114 18.29 -9.78 -3.39
C SER A 114 17.07 -10.69 -3.41
N ARG A 115 17.15 -11.81 -2.70
CA ARG A 115 16.06 -12.76 -2.64
C ARG A 115 14.88 -12.18 -1.85
N THR A 116 15.17 -11.23 -0.96
CA THR A 116 14.14 -10.62 -0.13
C THR A 116 13.82 -9.16 -0.46
N ILE A 117 14.51 -8.61 -1.47
CA ILE A 117 14.29 -7.23 -1.88
C ILE A 117 14.24 -7.14 -3.40
N GLN A 118 13.05 -6.87 -3.93
CA GLN A 118 12.85 -6.76 -5.38
C GLN A 118 11.81 -5.70 -5.72
N THR A 119 11.89 -5.18 -6.93
CA THR A 119 10.93 -4.18 -7.39
C THR A 119 9.68 -4.86 -7.95
N ILE A 120 8.58 -4.11 -7.98
CA ILE A 120 7.32 -4.60 -8.52
C ILE A 120 7.04 -3.76 -9.77
N SER A 121 6.52 -4.40 -10.81
CA SER A 121 6.21 -3.72 -12.06
C SER A 121 4.98 -2.82 -11.99
N LEU A 122 5.06 -1.70 -12.69
CA LEU A 122 3.95 -0.76 -12.76
C LEU A 122 3.06 -1.16 -13.95
N PRO A 123 1.78 -0.73 -13.94
CA PRO A 123 0.86 -1.06 -15.03
C PRO A 123 1.12 -0.17 -16.26
N SER A 124 0.47 -0.52 -17.37
CA SER A 124 0.57 0.25 -18.60
C SER A 124 -0.57 1.26 -18.56
N MET A 125 -0.54 2.25 -19.46
CA MET A 125 -1.58 3.27 -19.52
C MET A 125 -2.99 2.69 -19.63
N TYR A 126 -3.80 2.92 -18.59
CA TYR A 126 -5.19 2.46 -18.53
C TYR A 126 -5.36 0.98 -18.87
N ASN A 127 -4.43 0.14 -18.41
CA ASN A 127 -4.48 -1.29 -18.65
C ASN A 127 -4.61 -2.02 -17.32
N ASP A 128 -5.84 -2.22 -16.88
CA ASP A 128 -6.13 -2.89 -15.63
C ASP A 128 -6.72 -4.27 -15.86
N PRO A 129 -6.60 -5.16 -14.86
CA PRO A 129 -7.14 -6.52 -14.97
C PRO A 129 -8.66 -6.45 -15.09
N GLN A 130 -9.24 -7.46 -15.73
CA GLN A 130 -10.68 -7.51 -15.89
C GLN A 130 -11.31 -7.68 -14.51
N PHE A 131 -12.50 -7.11 -14.32
CA PHE A 131 -13.17 -7.23 -13.04
C PHE A 131 -13.53 -8.69 -12.78
N GLY A 132 -13.31 -9.12 -11.54
CA GLY A 132 -13.56 -10.50 -11.15
C GLY A 132 -12.24 -11.24 -11.02
N THR A 133 -11.15 -10.55 -11.35
CA THR A 133 -9.81 -11.11 -11.27
C THR A 133 -9.33 -11.15 -9.82
N SER A 134 -8.61 -12.22 -9.46
CA SER A 134 -8.08 -12.37 -8.11
C SER A 134 -6.74 -11.63 -7.97
N CYS A 135 -6.61 -10.87 -6.89
CA CYS A 135 -5.40 -10.10 -6.61
C CYS A 135 -5.04 -10.30 -5.14
N GLU A 136 -3.81 -9.96 -4.78
CA GLU A 136 -3.36 -10.10 -3.39
C GLU A 136 -2.99 -8.77 -2.74
N ILE A 137 -3.15 -8.73 -1.42
CA ILE A 137 -2.80 -7.56 -0.62
C ILE A 137 -1.94 -8.05 0.53
N THR A 138 -1.03 -7.20 0.98
CA THR A 138 -0.11 -7.57 2.06
C THR A 138 0.03 -6.40 3.03
N GLY A 139 0.27 -6.71 4.29
CA GLY A 139 0.44 -5.66 5.28
C GLY A 139 0.54 -6.10 6.73
N PHE A 140 0.91 -5.16 7.58
CA PHE A 140 1.03 -5.36 9.03
C PHE A 140 -0.18 -4.78 9.76
N GLY A 141 -1.26 -4.53 9.04
CA GLY A 141 -2.46 -3.94 9.64
C GLY A 141 -3.25 -4.83 10.57
N LYS A 142 -4.28 -4.26 11.19
CA LYS A 142 -5.15 -4.98 12.14
C LYS A 142 -5.76 -6.26 11.60
N GLU A 143 -5.82 -7.26 12.47
CA GLU A 143 -6.39 -8.57 12.15
C GLU A 143 -7.87 -8.62 12.49
N ASN A 144 -8.28 -7.70 13.37
CA ASN A 144 -9.66 -7.58 13.81
C ASN A 144 -9.92 -6.10 14.08
N SER A 145 -11.13 -5.64 13.80
CA SER A 145 -11.48 -4.23 14.01
C SER A 145 -11.34 -3.80 15.47
N THR A 146 -11.58 -4.74 16.39
CA THR A 146 -11.48 -4.47 17.82
C THR A 146 -10.06 -4.45 18.37
N ASP A 147 -9.07 -4.84 17.57
CA ASP A 147 -7.68 -4.83 18.01
C ASP A 147 -7.12 -3.41 18.07
N TYR A 148 -6.21 -3.17 19.01
CA TYR A 148 -5.55 -1.87 19.13
C TYR A 148 -4.06 -2.04 18.81
N LEU A 149 -3.65 -3.29 18.63
CA LEU A 149 -2.27 -3.62 18.28
C LEU A 149 -2.21 -4.30 16.92
N TYR A 150 -1.05 -4.20 16.28
CA TYR A 150 -0.83 -4.80 14.96
C TYR A 150 -0.12 -6.16 15.11
N PRO A 151 -0.32 -7.07 14.14
CA PRO A 151 0.32 -8.37 14.20
C PRO A 151 1.84 -8.23 14.06
N GLU A 152 2.58 -9.11 14.71
CA GLU A 152 4.03 -9.08 14.67
C GLU A 152 4.59 -9.62 13.35
N GLN A 153 3.83 -10.49 12.70
CA GLN A 153 4.25 -11.10 11.45
C GLN A 153 3.44 -10.55 10.27
N LEU A 154 4.09 -10.39 9.13
CA LEU A 154 3.46 -9.89 7.91
C LEU A 154 2.36 -10.85 7.46
N LYS A 155 1.25 -10.29 6.95
CA LYS A 155 0.14 -11.10 6.48
C LYS A 155 -0.21 -10.78 5.03
N MET A 156 -0.96 -11.67 4.41
CA MET A 156 -1.40 -11.49 3.04
C MET A 156 -2.73 -12.21 2.85
N THR A 157 -3.50 -11.74 1.88
CA THR A 157 -4.77 -12.36 1.55
C THR A 157 -5.09 -12.08 0.09
N VAL A 158 -6.12 -12.75 -0.40
CA VAL A 158 -6.56 -12.62 -1.78
C VAL A 158 -7.99 -12.11 -1.81
N VAL A 159 -8.21 -11.10 -2.66
CA VAL A 159 -9.53 -10.50 -2.83
C VAL A 159 -9.81 -10.39 -4.33
N LYS A 160 -11.07 -10.12 -4.67
CA LYS A 160 -11.44 -10.00 -6.07
C LYS A 160 -11.84 -8.59 -6.46
N LEU A 161 -11.44 -8.20 -7.66
CA LEU A 161 -11.76 -6.87 -8.18
C LEU A 161 -13.24 -6.77 -8.49
N ILE A 162 -13.85 -5.68 -8.04
CA ILE A 162 -15.26 -5.40 -8.24
C ILE A 162 -15.39 -4.25 -9.22
N SER A 163 -16.37 -4.34 -10.13
CA SER A 163 -16.57 -3.29 -11.14
C SER A 163 -17.01 -1.96 -10.54
N HIS A 164 -16.74 -0.88 -11.27
CA HIS A 164 -17.11 0.46 -10.84
C HIS A 164 -18.64 0.54 -10.71
N ARG A 165 -19.35 -0.13 -11.60
CA ARG A 165 -20.81 -0.15 -11.60
C ARG A 165 -21.38 -0.74 -10.30
N GLU A 166 -20.82 -1.88 -9.88
CA GLU A 166 -21.27 -2.53 -8.65
C GLU A 166 -20.91 -1.74 -7.41
N CYS A 167 -19.69 -1.22 -7.37
CA CYS A 167 -19.22 -0.46 -6.22
C CYS A 167 -19.94 0.88 -6.08
N GLN A 168 -20.50 1.36 -7.18
CA GLN A 168 -21.23 2.62 -7.21
C GLN A 168 -22.70 2.47 -6.82
N GLN A 169 -23.11 1.24 -6.50
CA GLN A 169 -24.49 0.99 -6.10
C GLN A 169 -24.76 1.66 -4.75
N PRO A 170 -26.02 2.05 -4.49
CA PRO A 170 -26.47 2.72 -3.27
C PRO A 170 -26.06 2.04 -1.96
N HIS A 171 -26.18 0.72 -1.89
CA HIS A 171 -25.82 -0.02 -0.67
C HIS A 171 -24.32 -0.21 -0.52
N TYR A 172 -23.58 0.11 -1.58
CA TYR A 172 -22.12 0.02 -1.54
C TYR A 172 -21.58 1.41 -1.16
N TYR A 173 -21.03 2.14 -2.13
CA TYR A 173 -20.48 3.47 -1.85
C TYR A 173 -21.10 4.63 -2.62
N GLY A 174 -22.04 4.33 -3.53
CA GLY A 174 -22.66 5.39 -4.30
C GLY A 174 -21.66 6.16 -5.14
N SER A 175 -21.91 7.46 -5.28
CA SER A 175 -21.03 8.32 -6.09
C SER A 175 -19.70 8.70 -5.44
N GLU A 176 -19.47 8.27 -4.20
CA GLU A 176 -18.22 8.58 -3.52
C GLU A 176 -17.01 7.94 -4.19
N VAL A 177 -17.22 6.77 -4.80
CA VAL A 177 -16.13 6.08 -5.51
C VAL A 177 -16.03 6.60 -6.94
N THR A 178 -14.82 6.95 -7.36
CA THR A 178 -14.59 7.49 -8.69
C THR A 178 -13.82 6.53 -9.60
N THR A 179 -13.57 6.94 -10.84
CA THR A 179 -12.86 6.11 -11.80
C THR A 179 -11.36 6.04 -11.52
N LYS A 180 -10.88 6.87 -10.60
CA LYS A 180 -9.47 6.86 -10.22
C LYS A 180 -9.27 5.93 -9.02
N MET A 181 -10.32 5.19 -8.68
CA MET A 181 -10.28 4.25 -7.56
C MET A 181 -10.73 2.86 -8.02
N LEU A 182 -10.30 1.85 -7.29
CA LEU A 182 -10.66 0.46 -7.59
C LEU A 182 -11.21 -0.19 -6.34
N CYS A 183 -12.29 -0.95 -6.49
CA CYS A 183 -12.87 -1.66 -5.36
C CYS A 183 -12.50 -3.13 -5.47
N ALA A 184 -12.22 -3.75 -4.33
CA ALA A 184 -11.87 -5.16 -4.28
C ALA A 184 -12.33 -5.71 -2.95
N ALA A 185 -12.83 -6.94 -2.97
CA ALA A 185 -13.31 -7.56 -1.75
C ALA A 185 -13.44 -9.06 -1.91
N ASP A 186 -13.69 -9.71 -0.77
CA ASP A 186 -13.89 -11.15 -0.71
C ASP A 186 -15.37 -11.37 -0.97
N PRO A 187 -15.72 -12.28 -1.89
CA PRO A 187 -17.14 -12.54 -2.18
C PRO A 187 -17.94 -12.96 -0.94
N GLN A 188 -17.25 -13.50 0.05
CA GLN A 188 -17.89 -13.93 1.29
C GLN A 188 -17.79 -12.87 2.39
N TRP A 189 -17.04 -11.80 2.10
CA TRP A 189 -16.83 -10.69 3.03
C TRP A 189 -16.17 -11.15 4.33
N LYS A 190 -15.24 -12.10 4.22
CA LYS A 190 -14.53 -12.66 5.36
C LYS A 190 -13.11 -12.15 5.52
N THR A 191 -12.49 -11.75 4.42
CA THR A 191 -11.13 -11.25 4.44
C THR A 191 -11.05 -9.86 3.79
N ASP A 192 -10.12 -9.03 4.26
CA ASP A 192 -10.02 -7.66 3.75
C ASP A 192 -8.83 -6.95 4.38
N SER A 193 -8.44 -5.80 3.81
CA SER A 193 -7.37 -5.01 4.39
C SER A 193 -8.05 -4.19 5.49
N CYS A 194 -7.26 -3.56 6.36
CA CYS A 194 -7.84 -2.79 7.45
C CYS A 194 -6.88 -1.68 7.86
N GLN A 195 -7.19 -1.01 8.97
CA GLN A 195 -6.33 0.06 9.49
C GLN A 195 -4.91 -0.48 9.69
N GLY A 196 -3.92 0.24 9.15
CA GLY A 196 -2.55 -0.21 9.27
C GLY A 196 -2.01 -0.79 7.97
N ASP A 197 -2.91 -1.17 7.07
CA ASP A 197 -2.52 -1.72 5.77
C ASP A 197 -2.37 -0.62 4.73
N SER A 198 -2.78 0.60 5.10
CA SER A 198 -2.71 1.75 4.20
C SER A 198 -1.34 1.89 3.53
N GLY A 199 -1.37 2.28 2.26
CA GLY A 199 -0.14 2.47 1.52
C GLY A 199 0.42 1.21 0.90
N GLY A 200 -0.05 0.05 1.38
CA GLY A 200 0.41 -1.23 0.90
C GLY A 200 -0.06 -1.56 -0.51
N PRO A 201 0.51 -2.59 -1.14
CA PRO A 201 0.13 -2.98 -2.50
C PRO A 201 -1.02 -3.94 -2.73
N LEU A 202 -1.74 -3.70 -3.83
CA LEU A 202 -2.79 -4.56 -4.31
C LEU A 202 -2.11 -5.06 -5.59
N VAL A 203 -1.63 -6.29 -5.57
CA VAL A 203 -0.91 -6.87 -6.71
C VAL A 203 -1.76 -7.86 -7.49
N CYS A 204 -1.80 -7.70 -8.80
CA CYS A 204 -2.57 -8.59 -9.67
C CYS A 204 -1.68 -9.17 -10.75
N SER A 205 -1.91 -10.43 -11.10
CA SER A 205 -1.14 -11.07 -12.15
C SER A 205 -1.76 -10.61 -13.47
N LEU A 206 -1.04 -9.76 -14.19
CA LEU A 206 -1.51 -9.23 -15.47
C LEU A 206 -0.62 -9.75 -16.60
N GLN A 207 -1.17 -10.67 -17.38
CA GLN A 207 -0.44 -11.27 -18.51
C GLN A 207 0.82 -11.99 -18.01
N GLY A 208 0.64 -12.80 -16.98
CA GLY A 208 1.74 -13.57 -16.40
C GLY A 208 2.77 -12.72 -15.66
N ARG A 209 2.45 -11.45 -15.43
CA ARG A 209 3.37 -10.54 -14.76
C ARG A 209 2.74 -9.89 -13.53
N MET A 210 3.46 -9.94 -12.40
CA MET A 210 2.99 -9.34 -11.14
C MET A 210 3.01 -7.83 -11.31
N THR A 211 1.85 -7.19 -11.17
CA THR A 211 1.72 -5.75 -11.35
C THR A 211 1.13 -5.03 -10.14
N LEU A 212 1.63 -3.83 -9.87
CA LEU A 212 1.14 -2.99 -8.77
C LEU A 212 -0.12 -2.32 -9.32
N THR A 213 -1.28 -2.89 -9.04
CA THR A 213 -2.55 -2.37 -9.54
C THR A 213 -3.20 -1.32 -8.66
N GLY A 214 -3.04 -1.46 -7.35
CA GLY A 214 -3.65 -0.50 -6.45
C GLY A 214 -2.85 -0.29 -5.19
N ILE A 215 -3.23 0.75 -4.46
CA ILE A 215 -2.59 1.11 -3.19
C ILE A 215 -3.71 1.14 -2.16
N VAL A 216 -3.53 0.47 -1.03
CA VAL A 216 -4.56 0.44 0.01
C VAL A 216 -4.85 1.87 0.45
N SER A 217 -6.12 2.28 0.35
CA SER A 217 -6.50 3.63 0.71
C SER A 217 -7.61 3.79 1.76
N TRP A 218 -8.82 3.31 1.44
CA TRP A 218 -9.92 3.48 2.38
C TRP A 218 -11.03 2.44 2.28
N GLY A 219 -12.01 2.59 3.18
CA GLY A 219 -13.14 1.69 3.23
C GLY A 219 -13.94 1.90 4.50
N ARG A 220 -15.23 1.55 4.45
CA ARG A 220 -16.11 1.66 5.60
C ARG A 220 -15.90 0.42 6.47
N GLY A 221 -15.28 0.62 7.63
CA GLY A 221 -15.00 -0.50 8.52
C GLY A 221 -14.01 -1.44 7.87
N CYS A 222 -14.04 -2.71 8.28
CA CYS A 222 -13.15 -3.73 7.72
C CYS A 222 -13.89 -5.05 7.58
N ALA A 223 -13.92 -5.60 6.37
CA ALA A 223 -14.61 -6.86 6.08
C ALA A 223 -16.11 -6.79 6.36
N LEU A 224 -16.71 -5.64 6.09
CA LEU A 224 -18.14 -5.44 6.28
C LEU A 224 -18.84 -5.74 4.97
N LYS A 225 -19.97 -6.45 5.05
CA LYS A 225 -20.74 -6.80 3.87
C LYS A 225 -21.14 -5.57 3.05
N ASP A 226 -20.96 -5.66 1.73
CA ASP A 226 -21.28 -4.59 0.78
C ASP A 226 -20.40 -3.35 0.92
N LYS A 227 -19.32 -3.47 1.69
CA LYS A 227 -18.38 -2.37 1.90
C LYS A 227 -16.96 -2.84 1.54
N PRO A 228 -16.64 -2.85 0.24
CA PRO A 228 -15.32 -3.28 -0.25
C PRO A 228 -14.19 -2.33 0.14
N GLY A 229 -12.96 -2.82 0.00
CA GLY A 229 -11.81 -1.97 0.26
C GLY A 229 -11.66 -1.13 -1.00
N VAL A 230 -11.25 0.12 -0.85
CA VAL A 230 -11.07 1.00 -2.01
C VAL A 230 -9.57 1.29 -2.15
N TYR A 231 -9.07 1.14 -3.36
CA TYR A 231 -7.66 1.33 -3.66
C TYR A 231 -7.42 2.41 -4.71
N THR A 232 -6.29 3.10 -4.59
CA THR A 232 -5.92 4.14 -5.55
C THR A 232 -5.53 3.40 -6.83
N ARG A 233 -6.16 3.77 -7.94
CA ARG A 233 -5.92 3.14 -9.23
C ARG A 233 -4.60 3.65 -9.82
N VAL A 234 -3.55 2.87 -9.64
CA VAL A 234 -2.20 3.22 -10.08
C VAL A 234 -2.05 3.57 -11.55
N SER A 235 -2.76 2.86 -12.44
CA SER A 235 -2.70 3.11 -13.88
C SER A 235 -3.10 4.51 -14.31
N HIS A 236 -3.91 5.18 -13.49
CA HIS A 236 -4.36 6.53 -13.79
C HIS A 236 -3.39 7.59 -13.29
N PHE A 237 -2.33 7.16 -12.60
CA PHE A 237 -1.35 8.09 -12.06
C PHE A 237 0.04 7.98 -12.68
N LEU A 238 0.16 7.22 -13.77
CA LEU A 238 1.46 7.05 -14.43
C LEU A 238 2.17 8.37 -14.79
N PRO A 239 1.42 9.35 -15.35
CA PRO A 239 2.05 10.63 -15.72
C PRO A 239 2.61 11.37 -14.50
N TRP A 240 1.87 11.34 -13.39
CA TRP A 240 2.28 11.98 -12.15
C TRP A 240 3.53 11.29 -11.59
N ILE A 241 3.55 9.96 -11.68
CA ILE A 241 4.68 9.18 -11.17
C ILE A 241 5.93 9.49 -12.00
N ARG A 242 5.81 9.42 -13.32
CA ARG A 242 6.94 9.70 -14.21
C ARG A 242 7.54 11.09 -14.03
N SER A 243 6.68 12.10 -13.87
CA SER A 243 7.16 13.48 -13.71
C SER A 243 7.89 13.76 -12.39
N HIS A 244 7.51 13.04 -11.34
CA HIS A 244 8.14 13.25 -10.03
C HIS A 244 9.33 12.34 -9.72
N THR A 245 9.55 11.32 -10.55
CA THR A 245 10.67 10.40 -10.34
C THR A 245 11.88 10.65 -11.22
N LYS A 246 11.75 11.55 -12.19
CA LYS A 246 12.86 11.86 -13.10
C LYS A 246 14.05 12.52 -12.42
N GLU A 247 13.97 13.83 -12.19
CA GLU A 247 15.06 14.55 -11.55
C GLU A 247 14.59 15.90 -11.01
N4 SI1 B . -12.19 -1.91 4.45
N5 SI1 B . -10.52 -2.61 3.12
C18 SI1 B . -10.90 -1.73 4.08
C14 SI1 B . -10.02 -0.74 4.59
C13 SI1 B . -10.43 0.14 5.63
C12 SI1 B . -9.60 1.17 6.09
C17 SI1 B . -8.29 1.31 5.60
C16 SI1 B . -7.85 0.42 4.60
C15 SI1 B . -8.71 -0.57 4.10
C11 SI1 B . -7.39 2.36 6.13
N3 SI1 B . -7.79 3.66 5.74
C10 SI1 B . -8.42 4.48 6.53
O5 SI1 B . -8.75 4.15 7.68
C8 SI1 B . -8.77 5.83 6.08
N2 SI1 B . -10.07 6.18 6.52
C7 SI1 B . -11.20 5.60 6.16
O4 SI1 B . -11.17 4.61 5.40
C5 SI1 B . -12.53 6.03 6.63
C6 SI1 B . -13.29 6.93 5.62
O3 SI1 B . -12.43 7.87 4.99
N1 SI1 B . -13.51 4.94 6.86
S1 SI1 B . -13.62 4.30 8.41
O2 SI1 B . -13.66 5.40 9.50
O1 SI1 B . -14.90 3.43 8.38
C1 SI1 B . -12.24 3.23 8.63
C4 SI1 B . -12.17 2.42 9.95
C3 SI1 B . -10.90 1.51 9.92
C2 SI1 B . -10.83 0.66 11.21
C9 SI1 B . -7.77 6.85 6.67
S SO4 C . -11.27 12.16 -7.98
O1 SO4 C . -11.52 11.47 -9.25
O2 SO4 C . -12.45 12.94 -7.59
O3 SO4 C . -10.98 11.17 -6.92
O4 SO4 C . -10.12 13.07 -8.12
S SO4 D . -4.12 3.88 8.67
O1 SO4 D . -4.30 2.64 7.89
O2 SO4 D . -4.04 5.03 7.75
O3 SO4 D . -5.24 4.06 9.60
O4 SO4 D . -2.87 3.79 9.45
#